data_1F2H
#
_entry.id   1F2H
#
_cell.length_a   1.000
_cell.length_b   1.000
_cell.length_c   1.000
_cell.angle_alpha   90.00
_cell.angle_beta   90.00
_cell.angle_gamma   90.00
#
_symmetry.space_group_name_H-M   'P 1'
#
_entity_poly.entity_id   1
_entity_poly.type   'polypeptide(L)'
_entity_poly.pdbx_seq_one_letter_code
;MAAGQNGHEEWVGSAYLFVESSLDKVVLSDAYAHPQQKVAVYRALQAALAESGGSPDVLQMLKIHRSDPQLIVQLRFCGR
QPCGRFLRAYREGALRAALQRSLAAALAQHSVPLQLELRAGAERLDALLADEERCLSCILAQQPDRLRDEELAELEDALR
NLKCGSGAR
;
_entity_poly.pdbx_strand_id   A
#
# COMPACT_ATOMS: atom_id res chain seq x y z
N MET A 1 -21.15 23.97 -16.79
CA MET A 1 -19.72 23.78 -17.17
C MET A 1 -18.98 25.11 -17.14
N ALA A 2 -18.33 25.41 -16.04
CA ALA A 2 -17.57 26.69 -15.94
C ALA A 2 -16.09 26.41 -16.20
N ALA A 3 -15.37 27.38 -16.73
CA ALA A 3 -13.93 27.17 -17.01
C ALA A 3 -13.26 28.49 -17.41
N GLY A 4 -11.97 28.57 -17.25
CA GLY A 4 -11.25 29.82 -17.61
C GLY A 4 -9.74 29.57 -17.57
N GLN A 5 -9.14 29.80 -16.43
CA GLN A 5 -7.67 29.56 -16.30
C GLN A 5 -7.39 28.08 -16.09
N ASN A 6 -6.18 27.65 -16.35
CA ASN A 6 -5.82 26.20 -16.20
C ASN A 6 -5.50 25.84 -14.74
N GLY A 7 -6.32 25.05 -14.11
CA GLY A 7 -6.06 24.64 -12.70
C GLY A 7 -4.89 23.65 -12.67
N HIS A 8 -4.14 23.62 -11.60
CA HIS A 8 -2.99 22.67 -11.52
C HIS A 8 -3.40 21.40 -10.77
N GLU A 9 -4.12 21.54 -9.68
CA GLU A 9 -4.60 20.35 -8.87
C GLU A 9 -3.55 19.23 -8.77
N GLU A 10 -2.44 19.48 -8.12
CA GLU A 10 -1.39 18.42 -8.00
C GLU A 10 -1.46 17.75 -6.63
N TRP A 11 -1.74 16.47 -6.60
CA TRP A 11 -1.81 15.73 -5.29
C TRP A 11 -1.07 14.39 -5.42
N VAL A 12 0.17 14.38 -5.01
CA VAL A 12 0.99 13.12 -5.05
C VAL A 12 1.97 13.12 -3.88
N GLY A 13 2.22 11.98 -3.28
CA GLY A 13 3.17 11.91 -2.13
C GLY A 13 3.53 10.46 -1.84
N SER A 14 4.32 10.24 -0.82
CA SER A 14 4.73 8.85 -0.48
C SER A 14 4.30 8.49 0.94
N ALA A 15 3.93 7.25 1.16
CA ALA A 15 3.48 6.81 2.52
C ALA A 15 4.19 5.51 2.88
N TYR A 16 4.43 5.29 4.15
CA TYR A 16 5.11 4.04 4.58
C TYR A 16 4.13 3.11 5.30
N LEU A 17 4.11 1.86 4.92
CA LEU A 17 3.19 0.88 5.55
C LEU A 17 3.97 -0.25 6.20
N PHE A 18 3.60 -0.64 7.39
CA PHE A 18 4.32 -1.75 8.09
C PHE A 18 3.43 -2.99 8.15
N VAL A 19 3.90 -4.09 7.61
CA VAL A 19 3.07 -5.34 7.63
C VAL A 19 3.79 -6.40 8.47
N GLU A 20 3.15 -6.89 9.50
CA GLU A 20 3.81 -7.92 10.37
C GLU A 20 2.77 -8.94 10.85
N SER A 21 3.20 -10.16 11.07
CA SER A 21 2.25 -11.22 11.55
C SER A 21 2.25 -11.30 13.08
N SER A 22 2.93 -10.40 13.75
CA SER A 22 2.97 -10.44 15.25
C SER A 22 3.55 -11.77 15.73
N LEU A 23 4.41 -12.38 14.94
CA LEU A 23 5.02 -13.68 15.35
C LEU A 23 6.54 -13.54 15.41
N ASP A 24 7.15 -14.00 16.47
CA ASP A 24 8.64 -13.89 16.60
C ASP A 24 9.33 -15.20 16.17
N LYS A 25 8.59 -16.20 15.76
CA LYS A 25 9.23 -17.48 15.34
C LYS A 25 9.45 -17.52 13.83
N VAL A 26 8.81 -16.62 13.09
CA VAL A 26 9.00 -16.61 11.60
C VAL A 26 9.57 -15.26 11.17
N VAL A 27 10.63 -15.27 10.41
CA VAL A 27 11.25 -14.00 9.94
C VAL A 27 10.69 -13.66 8.55
N LEU A 28 9.48 -13.18 8.50
CA LEU A 28 8.84 -12.84 7.19
C LEU A 28 9.61 -11.75 6.44
N SER A 29 10.09 -10.75 7.14
CA SER A 29 10.83 -9.62 6.45
C SER A 29 12.01 -10.16 5.66
N ASP A 30 12.72 -11.11 6.19
CA ASP A 30 13.90 -11.70 5.48
C ASP A 30 13.44 -12.30 4.15
N ALA A 31 12.30 -12.94 4.14
CA ALA A 31 11.79 -13.57 2.88
C ALA A 31 11.66 -12.53 1.76
N TYR A 32 11.21 -11.34 2.09
CA TYR A 32 11.06 -10.28 1.04
C TYR A 32 12.43 -9.80 0.55
N ALA A 33 13.50 -10.18 1.21
CA ALA A 33 14.87 -9.74 0.77
C ALA A 33 15.16 -10.20 -0.66
N HIS A 34 14.76 -11.40 -1.00
CA HIS A 34 15.03 -11.92 -2.37
C HIS A 34 14.30 -11.03 -3.41
N PRO A 35 14.91 -10.85 -4.56
CA PRO A 35 14.30 -10.01 -5.62
C PRO A 35 13.05 -10.67 -6.22
N GLN A 36 13.11 -11.95 -6.50
CA GLN A 36 11.91 -12.63 -7.10
C GLN A 36 10.71 -12.53 -6.14
N GLN A 37 10.95 -12.67 -4.86
CA GLN A 37 9.83 -12.55 -3.88
C GLN A 37 9.28 -11.12 -3.88
N LYS A 38 10.15 -10.13 -3.99
CA LYS A 38 9.67 -8.71 -4.02
C LYS A 38 8.73 -8.51 -5.22
N VAL A 39 9.11 -9.01 -6.37
CA VAL A 39 8.25 -8.87 -7.58
C VAL A 39 6.95 -9.67 -7.39
N ALA A 40 7.05 -10.90 -6.92
CA ALA A 40 5.82 -11.72 -6.70
C ALA A 40 4.92 -11.00 -5.70
N VAL A 41 5.50 -10.52 -4.63
CA VAL A 41 4.73 -9.76 -3.61
C VAL A 41 4.20 -8.49 -4.27
N TYR A 42 4.97 -7.94 -5.18
CA TYR A 42 4.55 -6.69 -5.90
C TYR A 42 3.15 -6.86 -6.51
N ARG A 43 2.93 -7.95 -7.22
CA ARG A 43 1.59 -8.18 -7.84
C ARG A 43 0.54 -8.48 -6.76
N ALA A 44 0.92 -9.24 -5.76
CA ALA A 44 -0.05 -9.57 -4.66
C ALA A 44 -0.51 -8.28 -3.97
N LEU A 45 0.42 -7.43 -3.62
CA LEU A 45 0.05 -6.16 -2.95
C LEU A 45 -0.78 -5.28 -3.89
N GLN A 46 -0.41 -5.25 -5.14
CA GLN A 46 -1.17 -4.41 -6.13
C GLN A 46 -2.64 -4.86 -6.19
N ALA A 47 -2.88 -6.14 -6.28
CA ALA A 47 -4.28 -6.65 -6.33
C ALA A 47 -5.01 -6.30 -5.03
N ALA A 48 -4.34 -6.43 -3.91
CA ALA A 48 -4.99 -6.11 -2.61
C ALA A 48 -5.43 -4.65 -2.57
N LEU A 49 -4.64 -3.75 -3.09
CA LEU A 49 -5.01 -2.30 -3.09
C LEU A 49 -6.30 -2.09 -3.88
N ALA A 50 -6.46 -2.76 -4.99
CA ALA A 50 -7.70 -2.57 -5.82
C ALA A 50 -8.94 -2.80 -4.96
N GLU A 51 -8.90 -3.78 -4.09
CA GLU A 51 -10.06 -4.04 -3.20
C GLU A 51 -10.31 -2.82 -2.30
N SER A 52 -9.25 -2.21 -1.82
CA SER A 52 -9.39 -1.02 -0.93
C SER A 52 -9.55 0.28 -1.73
N GLY A 53 -9.37 0.23 -3.04
CA GLY A 53 -9.52 1.48 -3.86
C GLY A 53 -8.14 1.98 -4.30
N GLY A 54 -7.15 1.13 -4.32
CA GLY A 54 -5.79 1.54 -4.76
C GLY A 54 -5.48 0.88 -6.09
N SER A 55 -6.10 1.35 -7.14
CA SER A 55 -5.86 0.75 -8.49
C SER A 55 -4.40 0.97 -8.90
N PRO A 56 -3.89 0.13 -9.77
CA PRO A 56 -2.48 0.26 -10.20
C PRO A 56 -2.31 1.50 -11.10
N ASP A 57 -3.39 2.13 -11.52
CA ASP A 57 -3.26 3.33 -12.38
C ASP A 57 -3.16 4.59 -11.52
N VAL A 58 -3.73 4.56 -10.34
CA VAL A 58 -3.68 5.75 -9.45
C VAL A 58 -2.72 5.52 -8.26
N LEU A 59 -2.75 4.33 -7.70
CA LEU A 59 -1.85 4.02 -6.54
C LEU A 59 -0.86 2.92 -6.92
N GLN A 60 0.41 3.21 -6.84
CA GLN A 60 1.44 2.19 -7.18
C GLN A 60 2.50 2.12 -6.08
N MET A 61 3.18 1.01 -5.96
CA MET A 61 4.24 0.88 -4.91
C MET A 61 5.58 1.35 -5.48
N LEU A 62 6.17 2.36 -4.90
CA LEU A 62 7.48 2.86 -5.42
C LEU A 62 8.59 1.83 -5.15
N LYS A 63 8.60 1.24 -3.97
CA LYS A 63 9.67 0.25 -3.65
C LYS A 63 9.36 -0.48 -2.34
N ILE A 64 9.94 -1.64 -2.15
CA ILE A 64 9.71 -2.41 -0.89
C ILE A 64 10.92 -2.21 0.02
N HIS A 65 10.72 -1.66 1.20
CA HIS A 65 11.87 -1.42 2.13
C HIS A 65 11.89 -2.46 3.25
N ARG A 66 13.03 -3.04 3.52
CA ARG A 66 13.13 -4.05 4.60
C ARG A 66 13.96 -3.51 5.77
N SER A 67 13.37 -3.44 6.93
CA SER A 67 14.10 -2.92 8.13
C SER A 67 13.55 -3.58 9.39
N ASP A 68 14.40 -3.85 10.37
CA ASP A 68 13.95 -4.50 11.65
C ASP A 68 13.03 -5.72 11.35
N PRO A 69 12.37 -6.26 12.35
CA PRO A 69 11.47 -7.41 12.11
C PRO A 69 10.12 -6.95 11.56
N GLN A 70 10.12 -6.13 10.53
CA GLN A 70 8.84 -5.65 9.95
C GLN A 70 9.06 -5.37 8.45
N LEU A 71 8.01 -5.33 7.68
CA LEU A 71 8.18 -5.06 6.21
C LEU A 71 7.63 -3.66 5.88
N ILE A 72 8.41 -2.88 5.18
CA ILE A 72 7.95 -1.49 4.83
C ILE A 72 7.66 -1.39 3.34
N VAL A 73 6.51 -0.88 2.98
CA VAL A 73 6.16 -0.73 1.53
C VAL A 73 5.82 0.72 1.22
N GLN A 74 6.40 1.28 0.19
CA GLN A 74 6.12 2.72 -0.16
C GLN A 74 4.94 2.80 -1.15
N LEU A 75 3.97 3.63 -0.86
CA LEU A 75 2.80 3.76 -1.78
C LEU A 75 2.74 5.16 -2.40
N ARG A 76 2.21 5.27 -3.60
CA ARG A 76 2.13 6.60 -4.28
C ARG A 76 0.65 6.98 -4.52
N PHE A 77 0.35 8.25 -4.53
CA PHE A 77 -1.08 8.68 -4.74
C PHE A 77 -1.17 9.73 -5.85
N CYS A 78 -2.33 9.90 -6.43
CA CYS A 78 -2.50 10.91 -7.51
C CYS A 78 -3.95 11.37 -7.60
N GLY A 79 -4.88 10.44 -7.54
CA GLY A 79 -6.32 10.80 -7.62
C GLY A 79 -6.95 10.89 -6.23
N ARG A 80 -7.70 11.93 -5.97
CA ARG A 80 -8.35 12.08 -4.63
C ARG A 80 -9.43 11.01 -4.41
N GLN A 81 -10.19 10.70 -5.44
CA GLN A 81 -11.27 9.66 -5.29
C GLN A 81 -10.71 8.34 -4.71
N PRO A 82 -9.72 7.77 -5.38
CA PRO A 82 -9.13 6.50 -4.87
C PRO A 82 -8.36 6.76 -3.56
N CYS A 83 -8.05 8.00 -3.27
CA CYS A 83 -7.33 8.30 -1.99
C CYS A 83 -8.27 8.10 -0.80
N GLY A 84 -9.48 8.61 -0.90
CA GLY A 84 -10.46 8.44 0.20
C GLY A 84 -10.74 6.96 0.42
N ARG A 85 -10.84 6.20 -0.64
CA ARG A 85 -11.10 4.73 -0.50
C ARG A 85 -9.88 4.06 0.15
N PHE A 86 -8.71 4.55 -0.15
CA PHE A 86 -7.47 3.93 0.44
C PHE A 86 -7.49 3.98 1.97
N LEU A 87 -7.75 5.13 2.55
CA LEU A 87 -7.78 5.21 4.05
C LEU A 87 -9.04 4.56 4.62
N ARG A 88 -10.17 4.75 3.99
CA ARG A 88 -11.43 4.13 4.51
C ARG A 88 -11.33 2.60 4.42
N ALA A 89 -10.78 2.10 3.35
CA ALA A 89 -10.61 0.63 3.19
C ALA A 89 -9.55 0.11 4.15
N TYR A 90 -8.62 0.95 4.54
CA TYR A 90 -7.54 0.51 5.48
C TYR A 90 -8.16 0.03 6.79
N ARG A 91 -9.10 0.78 7.32
CA ARG A 91 -9.77 0.36 8.60
C ARG A 91 -10.46 -0.98 8.41
N GLU A 92 -11.08 -1.17 7.27
CA GLU A 92 -11.77 -2.48 7.01
C GLU A 92 -10.74 -3.60 6.90
N GLY A 93 -9.62 -3.32 6.28
CA GLY A 93 -8.56 -4.36 6.12
C GLY A 93 -8.07 -4.80 7.50
N ALA A 94 -7.91 -3.88 8.42
CA ALA A 94 -7.45 -4.24 9.79
C ALA A 94 -8.47 -5.19 10.44
N LEU A 95 -9.73 -4.91 10.25
CA LEU A 95 -10.79 -5.79 10.83
C LEU A 95 -10.68 -7.19 10.21
N ARG A 96 -10.41 -7.22 8.93
CA ARG A 96 -10.25 -8.53 8.21
C ARG A 96 -9.08 -9.30 8.81
N ALA A 97 -8.03 -8.61 9.18
CA ALA A 97 -6.83 -9.28 9.77
C ALA A 97 -7.24 -10.05 11.04
N ALA A 98 -8.10 -9.49 11.84
CA ALA A 98 -8.55 -10.19 13.08
C ALA A 98 -9.22 -11.51 12.69
N LEU A 99 -9.99 -11.49 11.63
CA LEU A 99 -10.67 -12.74 11.16
C LEU A 99 -9.62 -13.81 10.83
N GLN A 100 -8.52 -13.41 10.24
CA GLN A 100 -7.46 -14.40 9.87
C GLN A 100 -6.94 -15.12 11.10
N ARG A 101 -6.78 -14.43 12.20
CA ARG A 101 -6.27 -15.09 13.44
C ARG A 101 -7.24 -16.20 13.86
N SER A 102 -8.51 -15.89 13.94
CA SER A 102 -9.53 -16.93 14.31
C SER A 102 -9.54 -18.04 13.24
N LEU A 103 -9.44 -17.65 12.00
CA LEU A 103 -9.46 -18.65 10.88
C LEU A 103 -8.17 -19.48 10.89
N ALA A 104 -7.09 -18.92 11.41
CA ALA A 104 -5.79 -19.67 11.45
C ALA A 104 -5.99 -21.06 12.07
N ALA A 105 -6.50 -21.10 13.28
CA ALA A 105 -6.74 -22.42 13.95
C ALA A 105 -7.75 -23.23 13.13
N ALA A 106 -8.75 -22.56 12.61
CA ALA A 106 -9.79 -23.27 11.79
C ALA A 106 -9.17 -23.93 10.56
N LEU A 107 -8.21 -23.30 9.92
CA LEU A 107 -7.60 -23.88 8.70
C LEU A 107 -6.38 -24.76 9.07
N ALA A 108 -5.25 -24.16 9.33
CA ALA A 108 -4.04 -24.97 9.69
C ALA A 108 -2.94 -24.06 10.25
N GLN A 109 -3.31 -23.04 10.97
CA GLN A 109 -2.29 -22.12 11.55
C GLN A 109 -2.59 -21.89 13.03
N HIS A 110 -1.58 -21.92 13.87
CA HIS A 110 -1.82 -21.68 15.33
C HIS A 110 -2.34 -20.25 15.50
N SER A 111 -1.78 -19.32 14.77
CA SER A 111 -2.24 -17.90 14.86
C SER A 111 -1.46 -17.04 13.86
N VAL A 112 -2.15 -16.34 13.00
CA VAL A 112 -1.44 -15.46 12.00
C VAL A 112 -2.07 -14.06 12.03
N PRO A 113 -1.84 -13.34 13.10
CA PRO A 113 -2.39 -11.97 13.22
C PRO A 113 -1.58 -11.00 12.35
N LEU A 114 -2.18 -10.49 11.32
CA LEU A 114 -1.46 -9.52 10.43
C LEU A 114 -2.05 -8.13 10.59
N GLN A 115 -1.25 -7.11 10.53
CA GLN A 115 -1.80 -5.73 10.68
C GLN A 115 -1.02 -4.75 9.80
N LEU A 116 -1.66 -3.68 9.44
CA LEU A 116 -1.00 -2.64 8.59
C LEU A 116 -0.99 -1.31 9.36
N GLU A 117 0.09 -0.59 9.30
CA GLU A 117 0.16 0.72 10.00
C GLU A 117 0.58 1.80 9.01
N LEU A 118 0.15 3.02 9.20
CA LEU A 118 0.53 4.11 8.26
C LEU A 118 1.44 5.12 8.92
N ARG A 119 2.53 5.44 8.29
CA ARG A 119 3.44 6.47 8.85
C ARG A 119 3.73 7.50 7.78
N ALA A 120 3.02 8.59 7.80
CA ALA A 120 3.23 9.65 6.78
C ALA A 120 3.88 10.90 7.39
N GLY A 121 3.92 10.99 8.70
CA GLY A 121 4.54 12.18 9.35
C GLY A 121 4.56 11.98 10.87
N ALA A 122 3.99 12.89 11.61
CA ALA A 122 3.97 12.76 13.09
C ALA A 122 2.71 12.02 13.56
N GLU A 123 1.85 11.61 12.65
CA GLU A 123 0.61 10.89 13.07
C GLU A 123 0.69 9.42 12.66
N ARG A 124 0.33 8.53 13.55
CA ARG A 124 0.37 7.07 13.23
C ARG A 124 -1.00 6.60 12.72
N LEU A 125 -1.21 5.31 12.66
CA LEU A 125 -2.52 4.79 12.16
C LEU A 125 -3.69 5.29 13.03
N ASP A 126 -3.51 5.31 14.33
CA ASP A 126 -4.59 5.79 15.22
C ASP A 126 -4.80 7.31 15.04
N ALA A 127 -3.77 8.00 14.61
CA ALA A 127 -3.89 9.47 14.41
C ALA A 127 -4.53 9.81 13.05
N LEU A 128 -4.69 8.82 12.19
CA LEU A 128 -5.30 9.09 10.85
C LEU A 128 -6.76 8.65 10.81
N LEU A 129 -7.16 7.78 11.71
CA LEU A 129 -8.59 7.30 11.72
C LEU A 129 -9.53 8.44 12.12
N ALA A 130 -9.13 9.24 13.07
CA ALA A 130 -10.00 10.37 13.52
C ALA A 130 -10.15 11.42 12.41
N ASP A 131 -9.06 11.99 11.95
CA ASP A 131 -9.13 13.02 10.89
C ASP A 131 -8.59 12.47 9.56
N GLU A 132 -9.37 12.53 8.52
CA GLU A 132 -8.91 12.02 7.19
C GLU A 132 -8.17 13.14 6.45
N GLU A 133 -8.56 14.36 6.66
CA GLU A 133 -7.89 15.50 5.96
C GLU A 133 -6.42 15.58 6.36
N ARG A 134 -6.12 15.34 7.62
CA ARG A 134 -4.70 15.41 8.10
C ARG A 134 -3.82 14.38 7.39
N CYS A 135 -4.31 13.19 7.17
CA CYS A 135 -3.47 12.15 6.49
C CYS A 135 -2.95 12.68 5.14
N LEU A 136 -3.77 13.43 4.44
CA LEU A 136 -3.32 13.99 3.12
C LEU A 136 -2.19 14.99 3.35
N SER A 137 -2.31 15.81 4.36
CA SER A 137 -1.25 16.81 4.66
C SER A 137 0.09 16.12 4.93
N CYS A 138 0.04 15.02 5.64
CA CYS A 138 1.31 14.28 5.96
C CYS A 138 1.83 13.56 4.71
N ILE A 139 0.98 12.81 4.04
CA ILE A 139 1.43 12.08 2.82
C ILE A 139 1.90 13.09 1.75
N LEU A 140 1.17 14.16 1.56
CA LEU A 140 1.56 15.18 0.55
C LEU A 140 2.75 16.01 1.05
N ALA A 141 2.93 16.10 2.34
CA ALA A 141 4.08 16.89 2.90
C ALA A 141 5.40 16.29 2.41
N GLN A 142 5.46 14.99 2.30
CA GLN A 142 6.72 14.33 1.85
C GLN A 142 6.69 14.08 0.33
N GLN A 143 7.65 14.59 -0.38
CA GLN A 143 7.70 14.39 -1.86
C GLN A 143 8.31 13.02 -2.18
N PRO A 144 7.90 12.44 -3.29
CA PRO A 144 8.42 11.11 -3.68
C PRO A 144 9.87 11.20 -4.16
N ASP A 145 10.47 10.09 -4.50
CA ASP A 145 11.88 10.10 -4.97
C ASP A 145 12.08 8.99 -6.00
N ARG A 146 11.95 9.31 -7.25
CA ARG A 146 12.13 8.29 -8.32
C ARG A 146 13.59 8.18 -8.74
N LEU A 147 14.48 8.95 -8.15
CA LEU A 147 15.92 8.87 -8.53
C LEU A 147 16.46 7.46 -8.27
N ARG A 148 16.07 6.85 -7.19
CA ARG A 148 16.55 5.47 -6.87
C ARG A 148 15.50 4.41 -7.25
N ASP A 149 14.36 4.81 -7.74
CA ASP A 149 13.30 3.81 -8.11
C ASP A 149 13.13 3.73 -9.63
N GLU A 150 14.11 4.18 -10.39
CA GLU A 150 13.98 4.13 -11.88
C GLU A 150 13.80 2.68 -12.36
N GLU A 151 14.50 1.76 -11.76
CA GLU A 151 14.37 0.33 -12.16
C GLU A 151 13.00 -0.22 -11.75
N LEU A 152 12.53 0.14 -10.59
CA LEU A 152 11.19 -0.35 -10.13
C LEU A 152 10.09 0.16 -11.06
N ALA A 153 10.19 1.39 -11.49
CA ALA A 153 9.13 1.96 -12.40
C ALA A 153 9.04 1.14 -13.69
N GLU A 154 10.16 0.72 -14.22
CA GLU A 154 10.13 -0.10 -15.46
C GLU A 154 9.53 -1.48 -15.15
N LEU A 155 9.89 -2.02 -14.01
CA LEU A 155 9.35 -3.37 -13.61
C LEU A 155 7.82 -3.31 -13.48
N GLU A 156 7.29 -2.29 -12.84
CA GLU A 156 5.79 -2.21 -12.70
C GLU A 156 5.15 -1.92 -14.06
N ASP A 157 5.83 -1.19 -14.89
CA ASP A 157 5.28 -0.88 -16.25
C ASP A 157 5.22 -2.16 -17.07
N ALA A 158 6.23 -2.99 -16.95
CA ALA A 158 6.23 -4.29 -17.70
C ALA A 158 5.12 -5.19 -17.14
N LEU A 159 4.90 -5.13 -15.86
CA LEU A 159 3.83 -5.94 -15.22
C LEU A 159 2.46 -5.54 -15.78
N ARG A 160 2.27 -4.27 -16.02
CA ARG A 160 0.96 -3.78 -16.53
C ARG A 160 0.63 -4.43 -17.88
N ASN A 161 1.60 -4.54 -18.75
CA ASN A 161 1.34 -5.16 -20.09
C ASN A 161 1.00 -6.65 -19.93
N LEU A 162 1.68 -7.34 -19.06
CA LEU A 162 1.40 -8.81 -18.87
C LEU A 162 -0.05 -9.01 -18.40
N LYS A 163 -0.53 -8.18 -17.53
CA LYS A 163 -1.93 -8.32 -17.02
C LYS A 163 -2.92 -7.71 -18.02
N CYS A 164 -3.99 -8.42 -18.31
CA CYS A 164 -5.01 -7.89 -19.27
C CYS A 164 -6.43 -8.06 -18.71
N GLY A 165 -6.78 -7.28 -17.72
CA GLY A 165 -8.15 -7.38 -17.14
C GLY A 165 -9.12 -6.64 -18.06
N SER A 166 -10.38 -6.55 -17.68
CA SER A 166 -11.38 -5.84 -18.53
C SER A 166 -11.35 -6.35 -19.97
N GLY A 167 -11.67 -7.60 -20.18
CA GLY A 167 -11.67 -8.17 -21.55
C GLY A 167 -12.81 -7.53 -22.37
N ALA A 168 -12.62 -7.40 -23.66
CA ALA A 168 -13.69 -6.79 -24.51
C ALA A 168 -14.94 -7.68 -24.49
N ARG A 169 -14.76 -8.96 -24.33
CA ARG A 169 -15.91 -9.91 -24.31
C ARG A 169 -16.31 -10.23 -22.87
#